data_2D4Q
#
_entry.id   2D4Q
#
_cell.length_a   113.5
_cell.length_b   113.5
_cell.length_c   125.6
_cell.angle_alpha   90
_cell.angle_beta   90
_cell.angle_gamma   90
#
_symmetry.space_group_name_H-M   'P 41 21 2'
#
loop_
_entity.id
_entity.type
_entity.pdbx_description
1 polymer Neurofibromin
2 non-polymer OXTOXYNOL-10
3 non-polymer 'PYROPHOSPHATE 2-'
4 water water
#
_entity_poly.entity_id   1
_entity_poly.type   'polypeptide(L)'
_entity_poly.pdbx_seq_one_letter_code
;KEEFKALKTLSIFYQAGTSKAGNPIFYYVARRFKTGQINGDLLIYHVLLTLKPYYAKPYEIVVDLTHTGPSNRFKTDFLS
KWFVVFPGFAYDNVSAVYIYNCNSWVREYTKYHERLLTGLKGSKRLVFIDCPGKLAEHIEHEQQKLPAATLALEEDLKVF
HNALKLAHKDTKVSIKVGSTAVQVTSAERTKVLGQSVFLNDIYYASEIEEICLVDENQFTLTIANQGTPLTFMHQECEAI
VQSIIHIRTRWELSQPD
;
_entity_poly.pdbx_strand_id   A,B
#
# COMPACT_ATOMS: atom_id res chain seq x y z
N LYS A 1 -21.07 -18.19 10.15
CA LYS A 1 -21.77 -17.75 8.95
C LYS A 1 -21.27 -16.39 8.50
N GLU A 2 -20.88 -15.56 9.45
CA GLU A 2 -20.32 -14.24 9.15
C GLU A 2 -18.81 -14.31 8.94
N GLU A 3 -18.23 -15.36 9.53
CA GLU A 3 -16.80 -15.63 9.40
C GLU A 3 -16.52 -16.53 8.20
N PHE A 4 -17.46 -17.45 7.95
CA PHE A 4 -17.35 -18.38 6.82
C PHE A 4 -17.66 -17.69 5.50
N LYS A 5 -18.69 -16.84 5.50
CA LYS A 5 -19.08 -16.10 4.32
C LYS A 5 -17.93 -15.25 3.80
N ALA A 6 -17.03 -14.84 4.69
CA ALA A 6 -15.90 -14.01 4.32
C ALA A 6 -14.86 -14.69 3.43
N LEU A 7 -14.67 -16.00 3.62
CA LEU A 7 -13.68 -16.76 2.81
C LEU A 7 -13.89 -16.64 1.31
N LYS A 8 -15.17 -16.62 0.88
CA LYS A 8 -15.44 -16.43 -0.53
C LYS A 8 -14.96 -15.07 -1.00
N THR A 9 -15.06 -14.10 -0.06
CA THR A 9 -14.66 -12.72 -0.30
C THR A 9 -13.14 -12.62 -0.36
N LEU A 10 -12.39 -13.52 0.28
CA LEU A 10 -10.93 -13.50 0.31
C LEU A 10 -10.32 -14.06 -0.97
N SER A 11 -11.13 -14.80 -1.76
CA SER A 11 -10.72 -15.39 -3.04
C SER A 11 -9.53 -16.34 -2.96
N ILE A 12 -9.57 -17.25 -2.00
CA ILE A 12 -8.50 -18.23 -1.79
C ILE A 12 -8.62 -19.39 -2.76
N PHE A 13 -9.85 -19.86 -2.95
CA PHE A 13 -10.10 -20.98 -3.84
C PHE A 13 -11.30 -20.64 -4.72
N TYR A 14 -11.09 -20.62 -6.03
CA TYR A 14 -12.15 -20.26 -6.97
C TYR A 14 -12.12 -21.06 -8.28
N GLN A 15 -13.30 -21.25 -8.88
CA GLN A 15 -13.35 -21.97 -10.15
C GLN A 15 -13.25 -21.02 -11.34
N ALA A 16 -12.56 -21.45 -12.39
CA ALA A 16 -12.41 -20.63 -13.58
C ALA A 16 -11.79 -21.36 -14.75
N GLY A 17 -12.57 -21.54 -15.83
CA GLY A 17 -12.04 -22.18 -17.03
C GLY A 17 -12.17 -23.68 -17.20
N THR A 18 -11.60 -24.17 -18.30
CA THR A 18 -11.64 -25.59 -18.65
C THR A 18 -10.34 -26.00 -19.35
N SER A 19 -9.77 -27.12 -18.90
CA SER A 19 -8.52 -27.59 -19.48
C SER A 19 -8.70 -28.06 -20.92
N LYS A 20 -7.61 -28.23 -21.64
CA LYS A 20 -7.69 -28.71 -23.02
C LYS A 20 -8.14 -30.18 -23.05
N ALA A 21 -8.01 -30.86 -21.91
CA ALA A 21 -8.41 -32.26 -21.79
C ALA A 21 -9.90 -32.24 -21.44
N GLY A 22 -10.44 -31.03 -21.36
CA GLY A 22 -11.84 -30.86 -21.04
C GLY A 22 -12.25 -31.26 -19.64
N ASN A 23 -11.86 -30.45 -18.66
CA ASN A 23 -12.23 -30.66 -17.26
C ASN A 23 -12.21 -29.29 -16.60
N PRO A 24 -13.12 -29.05 -15.65
CA PRO A 24 -13.13 -27.73 -14.98
C PRO A 24 -11.78 -27.47 -14.25
N ILE A 25 -11.44 -26.21 -14.04
CA ILE A 25 -10.19 -25.83 -13.40
C ILE A 25 -10.41 -25.00 -12.14
N PHE A 26 -9.73 -25.35 -11.04
CA PHE A 26 -9.87 -24.59 -9.81
C PHE A 26 -8.53 -23.97 -9.39
N TYR A 27 -8.59 -22.74 -8.91
CA TYR A 27 -7.40 -22.00 -8.50
C TYR A 27 -7.25 -21.87 -6.99
N TYR A 28 -6.09 -22.32 -6.48
CA TYR A 28 -5.79 -22.19 -5.06
C TYR A 28 -4.71 -21.09 -4.97
N VAL A 29 -5.02 -20.02 -4.24
CA VAL A 29 -4.05 -18.91 -4.12
C VAL A 29 -3.46 -18.96 -2.72
N ALA A 30 -2.33 -19.66 -2.65
CA ALA A 30 -1.59 -19.92 -1.41
C ALA A 30 -1.34 -18.75 -0.47
N ARG A 31 -0.85 -17.63 -1.01
CA ARG A 31 -0.55 -16.46 -0.18
C ARG A 31 -1.81 -15.87 0.46
N ARG A 32 -2.98 -16.20 -0.06
CA ARG A 32 -4.21 -15.63 0.50
C ARG A 32 -4.72 -16.29 1.79
N PHE A 33 -4.18 -17.46 2.11
CA PHE A 33 -4.53 -18.17 3.35
C PHE A 33 -3.50 -17.74 4.40
N LYS A 34 -3.98 -17.33 5.59
CA LYS A 34 -3.08 -16.92 6.67
C LYS A 34 -3.32 -17.86 7.84
N THR A 35 -2.34 -18.70 8.14
CA THR A 35 -2.48 -19.65 9.24
C THR A 35 -2.60 -18.89 10.57
N GLY A 36 -3.43 -19.41 11.48
CA GLY A 36 -3.62 -18.76 12.77
C GLY A 36 -4.35 -17.43 12.63
N GLN A 37 -5.45 -17.45 11.90
CA GLN A 37 -6.25 -16.26 11.65
C GLN A 37 -7.49 -16.65 10.84
N ILE A 38 -7.47 -17.82 10.27
CA ILE A 38 -8.58 -18.37 9.50
C ILE A 38 -8.86 -19.81 9.94
N ASN A 39 -10.00 -20.05 10.54
CA ASN A 39 -10.30 -21.40 11.02
C ASN A 39 -10.03 -22.41 9.90
N GLY A 40 -8.98 -23.21 10.07
CA GLY A 40 -8.62 -24.21 9.08
C GLY A 40 -9.75 -25.04 8.51
N ASP A 41 -10.69 -25.46 9.35
CA ASP A 41 -11.81 -26.27 8.88
C ASP A 41 -12.67 -25.49 7.89
N LEU A 42 -12.80 -24.18 8.12
CA LEU A 42 -13.59 -23.30 7.26
C LEU A 42 -13.01 -23.24 5.84
N LEU A 43 -11.70 -23.31 5.71
CA LEU A 43 -11.09 -23.27 4.36
C LEU A 43 -11.44 -24.59 3.67
N ILE A 44 -11.31 -25.69 4.41
CA ILE A 44 -11.62 -27.02 3.90
C ILE A 44 -13.10 -27.10 3.48
N TYR A 45 -13.98 -26.54 4.31
CA TYR A 45 -15.41 -26.53 4.04
C TYR A 45 -15.71 -25.68 2.81
N HIS A 46 -15.04 -24.53 2.70
CA HIS A 46 -15.24 -23.66 1.54
C HIS A 46 -14.75 -24.34 0.27
N VAL A 47 -13.65 -25.10 0.38
CA VAL A 47 -13.09 -25.82 -0.75
C VAL A 47 -13.96 -27.02 -1.06
N LEU A 48 -14.42 -27.68 0.00
CA LEU A 48 -15.27 -28.85 -0.16
C LEU A 48 -16.56 -28.47 -0.90
N LEU A 49 -17.25 -27.48 -0.39
CA LEU A 49 -18.52 -27.02 -0.98
C LEU A 49 -18.33 -26.50 -2.40
N THR A 50 -17.15 -26.00 -2.78
CA THR A 50 -17.00 -25.51 -4.15
C THR A 50 -16.55 -26.61 -5.13
N LEU A 51 -16.11 -27.75 -4.60
CA LEU A 51 -15.72 -28.87 -5.47
C LEU A 51 -16.85 -29.89 -5.54
N LYS A 52 -17.71 -29.98 -4.51
CA LYS A 52 -18.80 -30.93 -4.36
C LYS A 52 -19.46 -31.24 -5.69
N PRO A 53 -19.98 -30.23 -6.43
CA PRO A 53 -20.66 -30.39 -7.72
C PRO A 53 -19.82 -31.04 -8.78
N TYR A 54 -18.50 -30.93 -8.63
CA TYR A 54 -17.61 -31.47 -9.64
C TYR A 54 -16.68 -32.62 -9.30
N TYR A 55 -16.35 -32.84 -8.02
CA TYR A 55 -15.37 -33.89 -7.74
C TYR A 55 -15.70 -35.36 -8.01
N ALA A 56 -16.86 -35.64 -8.61
CA ALA A 56 -17.21 -37.01 -8.95
C ALA A 56 -16.76 -37.28 -10.38
N LYS A 57 -16.36 -36.21 -11.06
CA LYS A 57 -15.86 -36.29 -12.42
C LYS A 57 -14.47 -35.68 -12.35
N PRO A 58 -13.59 -36.01 -13.30
CA PRO A 58 -12.22 -35.47 -13.32
C PRO A 58 -12.17 -33.94 -13.31
N TYR A 59 -11.24 -33.38 -12.53
CA TYR A 59 -11.05 -31.92 -12.47
C TYR A 59 -9.59 -31.54 -12.30
N GLU A 60 -9.25 -30.27 -12.48
CA GLU A 60 -7.86 -29.87 -12.35
C GLU A 60 -7.63 -28.72 -11.41
N ILE A 61 -6.43 -28.67 -10.83
CA ILE A 61 -6.10 -27.60 -9.88
C ILE A 61 -4.84 -26.84 -10.25
N VAL A 62 -4.94 -25.51 -10.15
CA VAL A 62 -3.80 -24.62 -10.40
C VAL A 62 -3.44 -24.04 -9.04
N VAL A 63 -2.23 -24.31 -8.58
CA VAL A 63 -1.82 -23.77 -7.30
C VAL A 63 -0.86 -22.64 -7.59
N ASP A 64 -1.24 -21.45 -7.13
CA ASP A 64 -0.44 -20.26 -7.32
C ASP A 64 0.39 -20.12 -6.05
N LEU A 65 1.69 -20.36 -6.15
CA LEU A 65 2.56 -20.26 -4.98
C LEU A 65 3.28 -18.91 -4.92
N THR A 66 2.84 -17.96 -5.75
CA THR A 66 3.41 -16.62 -5.75
C THR A 66 3.51 -16.08 -4.32
N HIS A 67 4.71 -15.67 -3.93
CA HIS A 67 4.96 -15.09 -2.62
C HIS A 67 4.52 -15.92 -1.42
N THR A 68 4.45 -17.23 -1.55
CA THR A 68 4.01 -18.02 -0.42
C THR A 68 5.14 -18.20 0.62
N GLY A 69 4.81 -17.91 1.88
CA GLY A 69 5.78 -18.03 2.96
C GLY A 69 5.24 -18.66 4.24
N PRO A 70 6.02 -18.67 5.33
CA PRO A 70 5.55 -19.27 6.59
C PRO A 70 4.19 -18.82 7.12
N SER A 71 3.77 -17.58 6.85
CA SER A 71 2.46 -17.13 7.33
C SER A 71 1.28 -17.77 6.56
N ASN A 72 1.62 -18.54 5.52
CA ASN A 72 0.62 -19.19 4.69
C ASN A 72 0.72 -20.71 4.77
N ARG A 73 1.51 -21.22 5.73
CA ARG A 73 1.72 -22.65 5.82
C ARG A 73 0.57 -23.48 6.35
N PHE A 74 0.53 -24.72 5.88
CA PHE A 74 -0.45 -25.66 6.39
C PHE A 74 0.31 -26.32 7.55
N LYS A 75 -0.23 -26.23 8.76
CA LYS A 75 0.46 -26.85 9.89
C LYS A 75 0.34 -28.35 9.75
N THR A 76 1.23 -29.08 10.43
CA THR A 76 1.27 -30.54 10.36
C THR A 76 -0.09 -31.25 10.47
N ASP A 77 -0.85 -30.96 11.52
CA ASP A 77 -2.15 -31.63 11.69
C ASP A 77 -3.18 -31.19 10.66
N PHE A 78 -3.06 -29.96 10.17
CA PHE A 78 -3.98 -29.44 9.16
C PHE A 78 -3.59 -30.07 7.80
N LEU A 79 -2.30 -30.10 7.51
CA LEU A 79 -1.82 -30.66 6.27
C LEU A 79 -2.22 -32.12 6.19
N SER A 80 -2.25 -32.78 7.35
CA SER A 80 -2.59 -34.19 7.43
C SER A 80 -4.09 -34.33 7.21
N LYS A 81 -4.87 -33.49 7.87
CA LYS A 81 -6.32 -33.52 7.75
C LYS A 81 -6.80 -33.37 6.28
N TRP A 82 -6.01 -32.68 5.45
CA TRP A 82 -6.37 -32.48 4.04
C TRP A 82 -6.31 -33.75 3.21
N PHE A 83 -5.69 -34.80 3.78
CA PHE A 83 -5.56 -36.07 3.08
C PHE A 83 -6.61 -37.07 3.55
N VAL A 84 -7.36 -36.71 4.60
CA VAL A 84 -8.32 -37.65 5.15
C VAL A 84 -9.73 -37.05 5.14
N VAL A 85 -9.93 -35.79 4.77
CA VAL A 85 -11.23 -35.13 4.87
C VAL A 85 -12.02 -35.30 3.58
N PHE A 86 -11.43 -35.58 2.43
CA PHE A 86 -12.19 -35.69 1.19
C PHE A 86 -12.53 -37.12 0.80
N PRO A 87 -13.63 -37.29 0.04
CA PRO A 87 -14.07 -38.62 -0.41
C PRO A 87 -13.00 -39.19 -1.33
N GLY A 88 -12.69 -40.46 -1.15
CA GLY A 88 -11.67 -41.12 -1.95
C GLY A 88 -11.59 -40.75 -3.42
N PHE A 89 -12.71 -40.88 -4.12
CA PHE A 89 -12.76 -40.57 -5.56
C PHE A 89 -12.30 -39.14 -5.87
N ALA A 90 -12.55 -38.22 -4.95
CA ALA A 90 -12.18 -36.82 -5.14
C ALA A 90 -10.68 -36.61 -5.41
N TYR A 91 -9.83 -37.50 -4.89
CA TYR A 91 -8.39 -37.38 -5.13
C TYR A 91 -8.01 -37.96 -6.49
N ASP A 92 -8.48 -39.18 -6.74
CA ASP A 92 -8.19 -39.88 -7.99
C ASP A 92 -8.65 -39.00 -9.15
N ASN A 93 -9.75 -38.31 -8.95
CA ASN A 93 -10.32 -37.44 -9.96
C ASN A 93 -9.50 -36.19 -10.27
N VAL A 94 -8.48 -35.91 -9.46
CA VAL A 94 -7.64 -34.75 -9.72
C VAL A 94 -6.72 -35.17 -10.85
N SER A 95 -7.07 -34.78 -12.07
CA SER A 95 -6.28 -35.13 -13.25
C SER A 95 -4.92 -34.47 -13.27
N ALA A 96 -4.82 -33.27 -12.74
CA ALA A 96 -3.55 -32.56 -12.77
C ALA A 96 -3.52 -31.38 -11.81
N VAL A 97 -2.32 -31.13 -11.29
CA VAL A 97 -2.09 -30.01 -10.38
C VAL A 97 -1.00 -29.15 -11.03
N TYR A 98 -1.32 -27.94 -11.48
CA TYR A 98 -0.26 -27.12 -12.07
C TYR A 98 0.28 -26.27 -10.93
N ILE A 99 1.59 -26.18 -10.85
CA ILE A 99 2.22 -25.43 -9.75
C ILE A 99 2.95 -24.23 -10.33
N TYR A 100 2.45 -23.05 -10.00
CA TYR A 100 3.00 -21.81 -10.51
C TYR A 100 3.75 -21.01 -9.46
N ASN A 101 4.95 -20.53 -9.82
CA ASN A 101 5.81 -19.71 -8.96
C ASN A 101 6.32 -20.40 -7.70
N CYS A 102 6.72 -21.66 -7.80
CA CYS A 102 7.23 -22.35 -6.62
C CYS A 102 8.46 -21.56 -6.17
N ASN A 103 8.65 -21.45 -4.88
CA ASN A 103 9.81 -20.66 -4.40
C ASN A 103 10.68 -21.42 -3.40
N SER A 104 11.75 -20.77 -2.92
CA SER A 104 12.67 -21.38 -1.95
C SER A 104 12.01 -21.87 -0.66
N TRP A 105 11.10 -21.08 -0.12
CA TRP A 105 10.47 -21.47 1.12
C TRP A 105 9.56 -22.68 0.94
N VAL A 106 8.80 -22.71 -0.16
CA VAL A 106 7.92 -23.84 -0.39
C VAL A 106 8.78 -25.11 -0.61
N ARG A 107 9.92 -24.95 -1.26
CA ARG A 107 10.77 -26.08 -1.47
C ARG A 107 11.20 -26.64 -0.10
N GLU A 108 11.60 -25.77 0.82
CA GLU A 108 12.04 -26.17 2.15
C GLU A 108 10.91 -26.78 2.99
N TYR A 109 9.72 -26.22 2.87
CA TYR A 109 8.54 -26.72 3.56
C TYR A 109 8.32 -28.19 3.12
N THR A 110 8.54 -28.41 1.85
CA THR A 110 8.33 -29.70 1.21
C THR A 110 9.37 -30.75 1.64
N LYS A 111 10.60 -30.32 1.90
CA LYS A 111 11.63 -31.23 2.35
C LYS A 111 11.34 -31.59 3.82
N TYR A 112 10.97 -30.58 4.60
CA TYR A 112 10.65 -30.71 6.01
C TYR A 112 9.43 -31.59 6.32
N HIS A 113 8.39 -31.52 5.48
CA HIS A 113 7.18 -32.31 5.66
C HIS A 113 7.20 -33.52 4.71
N GLU A 114 8.37 -33.83 4.17
CA GLU A 114 8.57 -34.93 3.24
C GLU A 114 7.74 -36.15 3.64
N ARG A 115 7.70 -36.48 4.93
CA ARG A 115 6.94 -37.66 5.37
C ARG A 115 5.46 -37.64 5.02
N LEU A 116 4.80 -36.49 5.16
CA LEU A 116 3.38 -36.41 4.83
C LEU A 116 3.09 -36.12 3.36
N LEU A 117 4.12 -35.88 2.56
CA LEU A 117 3.92 -35.55 1.15
C LEU A 117 4.46 -36.65 0.24
N THR A 118 4.86 -37.76 0.85
CA THR A 118 5.40 -38.90 0.12
C THR A 118 4.64 -39.25 -1.18
N GLY A 119 3.33 -39.33 -1.09
CA GLY A 119 2.55 -39.66 -2.27
C GLY A 119 2.50 -38.59 -3.37
N LEU A 120 3.22 -37.48 -3.20
CA LEU A 120 3.21 -36.45 -4.23
C LEU A 120 4.54 -36.48 -4.96
N LYS A 121 5.59 -36.94 -4.28
CA LYS A 121 6.90 -37.01 -4.91
C LYS A 121 6.89 -37.96 -6.09
N GLY A 122 7.38 -37.49 -7.23
CA GLY A 122 7.42 -38.30 -8.44
C GLY A 122 6.09 -38.53 -9.14
N SER A 123 5.05 -37.77 -8.79
CA SER A 123 3.73 -37.94 -9.42
C SER A 123 3.67 -37.35 -10.82
N LYS A 124 3.12 -38.12 -11.76
CA LYS A 124 2.97 -37.64 -13.12
C LYS A 124 1.97 -36.50 -13.19
N ARG A 125 1.09 -36.43 -12.17
CA ARG A 125 0.06 -35.39 -12.13
C ARG A 125 0.45 -33.99 -11.60
N LEU A 126 1.68 -33.82 -11.11
CA LEU A 126 2.12 -32.51 -10.66
C LEU A 126 2.90 -31.88 -11.82
N VAL A 127 2.42 -30.74 -12.34
CA VAL A 127 3.10 -30.06 -13.45
C VAL A 127 3.59 -28.69 -12.99
N PHE A 128 4.91 -28.53 -12.90
CA PHE A 128 5.49 -27.28 -12.50
C PHE A 128 5.55 -26.37 -13.71
N ILE A 129 4.96 -25.17 -13.58
CA ILE A 129 4.85 -24.15 -14.63
C ILE A 129 5.77 -22.92 -14.44
N ASP A 130 6.47 -22.53 -15.52
CA ASP A 130 7.37 -21.37 -15.51
C ASP A 130 6.74 -19.99 -15.73
N CYS A 131 5.98 -19.82 -16.81
CA CYS A 131 5.36 -18.54 -17.12
C CYS A 131 3.87 -18.70 -17.44
N PRO A 132 3.08 -17.62 -17.27
CA PRO A 132 1.64 -17.68 -17.54
C PRO A 132 1.30 -18.31 -18.91
N GLY A 133 2.24 -18.19 -19.85
CA GLY A 133 2.04 -18.76 -21.18
C GLY A 133 2.00 -20.28 -21.19
N LYS A 134 2.98 -20.92 -20.58
CA LYS A 134 3.03 -22.38 -20.53
C LYS A 134 1.83 -22.95 -19.80
N LEU A 135 1.24 -22.20 -18.88
CA LEU A 135 0.04 -22.66 -18.18
C LEU A 135 -1.19 -22.55 -19.09
N ALA A 136 -1.25 -21.44 -19.82
CA ALA A 136 -2.36 -21.19 -20.73
C ALA A 136 -2.45 -22.30 -21.80
N GLU A 137 -1.29 -22.87 -22.18
CA GLU A 137 -1.21 -23.95 -23.16
C GLU A 137 -2.06 -25.15 -22.80
N HIS A 138 -2.12 -25.46 -21.51
CA HIS A 138 -2.91 -26.60 -21.06
C HIS A 138 -4.36 -26.22 -20.92
N ILE A 139 -4.66 -24.91 -20.89
CA ILE A 139 -6.01 -24.39 -20.75
C ILE A 139 -6.57 -24.01 -22.11
N GLU A 140 -7.90 -24.08 -22.28
CA GLU A 140 -8.53 -23.74 -23.56
C GLU A 140 -7.87 -22.60 -24.34
N HIS A 141 -7.33 -22.92 -25.50
CA HIS A 141 -6.67 -21.95 -26.38
C HIS A 141 -5.99 -20.86 -25.57
N GLU A 142 -5.22 -21.20 -24.54
CA GLU A 142 -4.41 -20.30 -23.74
C GLU A 142 -5.28 -19.27 -23.02
N GLN A 143 -6.20 -19.66 -22.15
CA GLN A 143 -7.06 -18.74 -21.41
C GLN A 143 -6.87 -18.88 -19.89
N GLN A 144 -5.63 -18.68 -19.43
CA GLN A 144 -5.32 -18.78 -18.01
C GLN A 144 -5.98 -17.67 -17.19
N LYS A 145 -6.40 -18.00 -15.95
CA LYS A 145 -7.08 -17.06 -15.05
C LYS A 145 -6.39 -16.89 -13.69
N LEU A 146 -5.07 -16.74 -13.71
CA LEU A 146 -4.30 -16.54 -12.49
C LEU A 146 -4.75 -15.20 -11.94
N PRO A 147 -4.65 -14.99 -10.61
CA PRO A 147 -5.07 -13.70 -10.03
C PRO A 147 -4.38 -12.49 -10.72
N ALA A 148 -5.12 -11.41 -10.93
CA ALA A 148 -4.56 -10.20 -11.57
C ALA A 148 -3.30 -9.71 -10.83
N ALA A 149 -3.30 -9.85 -9.51
CA ALA A 149 -2.13 -9.44 -8.72
C ALA A 149 -0.92 -10.25 -9.15
N THR A 150 -1.15 -11.51 -9.51
CA THR A 150 -0.03 -12.35 -9.96
C THR A 150 0.44 -11.91 -11.35
N LEU A 151 -0.50 -11.63 -12.24
CA LEU A 151 -0.12 -11.20 -13.57
C LEU A 151 0.53 -9.81 -13.58
N ALA A 152 0.13 -8.95 -12.64
CA ALA A 152 0.76 -7.60 -12.60
C ALA A 152 2.28 -7.70 -12.32
N LEU A 153 2.72 -8.73 -11.59
CA LEU A 153 4.14 -8.90 -11.26
C LEU A 153 4.95 -9.20 -12.51
N GLU A 154 4.25 -9.64 -13.55
CA GLU A 154 4.87 -10.00 -14.83
C GLU A 154 5.18 -8.85 -15.81
N GLU A 155 4.65 -7.65 -15.58
CA GLU A 155 4.88 -6.59 -16.55
C GLU A 155 5.84 -5.45 -16.25
N ASP A 156 6.39 -4.89 -17.34
CA ASP A 156 7.31 -3.76 -17.27
C ASP A 156 8.44 -4.08 -16.29
N LEU A 157 9.11 -5.18 -16.58
CA LEU A 157 10.18 -5.65 -15.73
C LEU A 157 11.56 -5.30 -16.25
N LYS A 158 12.43 -4.82 -15.37
CA LYS A 158 13.79 -4.54 -15.77
C LYS A 158 14.54 -5.81 -15.31
N VAL A 159 15.11 -6.53 -16.28
CA VAL A 159 15.80 -7.80 -16.04
C VAL A 159 17.32 -7.80 -16.11
N PHE A 160 17.98 -8.22 -15.03
CA PHE A 160 19.43 -8.32 -14.97
C PHE A 160 19.78 -9.82 -15.05
N HIS A 161 20.29 -10.23 -16.20
CA HIS A 161 20.55 -11.64 -16.46
C HIS A 161 21.58 -12.57 -15.91
N ASN A 162 22.78 -12.15 -15.59
CA ASN A 162 23.66 -13.22 -15.09
C ASN A 162 24.17 -12.93 -13.71
N ALA A 163 23.25 -12.83 -12.77
CA ALA A 163 23.68 -12.52 -11.41
C ALA A 163 24.06 -13.81 -10.69
N LEU A 164 24.76 -13.65 -9.58
CA LEU A 164 25.16 -14.78 -8.80
C LEU A 164 24.74 -14.55 -7.36
N LYS A 165 23.79 -15.33 -6.86
CA LYS A 165 23.42 -15.19 -5.45
C LYS A 165 24.57 -15.86 -4.69
N LEU A 166 25.12 -15.15 -3.71
CA LEU A 166 26.23 -15.66 -2.91
C LEU A 166 25.73 -16.35 -1.63
N ALA A 167 26.36 -17.49 -1.29
CA ALA A 167 26.05 -18.30 -0.10
C ALA A 167 27.09 -19.43 0.04
N HIS A 168 26.80 -20.44 0.86
CA HIS A 168 27.73 -21.56 1.03
C HIS A 168 27.87 -22.19 -0.35
N LYS A 169 26.76 -22.31 -0.99
CA LYS A 169 26.63 -22.70 -2.39
C LYS A 169 26.06 -21.56 -3.22
N ASP A 170 26.83 -21.05 -4.16
CA ASP A 170 26.39 -19.92 -4.97
C ASP A 170 25.36 -20.40 -5.98
N THR A 171 24.45 -19.50 -6.38
CA THR A 171 23.37 -19.84 -7.29
C THR A 171 23.25 -18.83 -8.43
N LYS A 172 23.18 -19.34 -9.65
CA LYS A 172 22.97 -18.47 -10.79
C LYS A 172 21.51 -18.05 -10.88
N VAL A 173 21.27 -16.75 -10.88
CA VAL A 173 19.92 -16.21 -10.91
C VAL A 173 19.81 -14.99 -11.85
N SER A 174 18.59 -14.63 -12.17
CA SER A 174 18.39 -13.42 -12.94
C SER A 174 17.58 -12.58 -11.91
N ILE A 175 17.93 -11.30 -11.80
CA ILE A 175 17.25 -10.36 -10.90
C ILE A 175 16.32 -9.45 -11.73
N LYS A 176 15.03 -9.51 -11.38
CA LYS A 176 13.99 -8.74 -12.06
C LYS A 176 13.37 -7.69 -11.12
N VAL A 177 13.38 -6.44 -11.57
CA VAL A 177 12.85 -5.33 -10.78
C VAL A 177 11.59 -4.77 -11.43
N GLY A 178 10.47 -4.88 -10.73
CA GLY A 178 9.22 -4.35 -11.24
C GLY A 178 8.87 -3.16 -10.35
N SER A 179 7.82 -2.44 -10.71
CA SER A 179 7.39 -1.26 -9.95
C SER A 179 7.00 -1.54 -8.51
N THR A 180 6.60 -2.78 -8.20
CA THR A 180 6.16 -3.09 -6.83
C THR A 180 6.95 -4.23 -6.16
N ALA A 181 7.82 -4.90 -6.91
CA ALA A 181 8.56 -6.02 -6.34
C ALA A 181 9.85 -6.36 -7.06
N VAL A 182 10.67 -7.15 -6.38
CA VAL A 182 11.92 -7.64 -6.94
C VAL A 182 11.75 -9.17 -6.95
N GLN A 183 12.13 -9.79 -8.06
CA GLN A 183 12.02 -11.24 -8.21
C GLN A 183 13.38 -11.84 -8.48
N VAL A 184 13.72 -12.92 -7.77
CA VAL A 184 15.00 -13.60 -7.96
C VAL A 184 14.66 -14.99 -8.48
N THR A 185 14.82 -15.16 -9.79
CA THR A 185 14.50 -16.40 -10.49
C THR A 185 15.75 -17.22 -10.75
N SER A 186 15.78 -18.46 -10.27
CA SER A 186 16.96 -19.29 -10.47
C SER A 186 17.19 -19.64 -11.94
N ALA A 187 18.47 -19.66 -12.33
CA ALA A 187 18.87 -19.98 -13.70
C ALA A 187 19.16 -21.48 -13.81
N GLU A 188 19.36 -22.14 -12.69
CA GLU A 188 19.61 -23.57 -12.65
C GLU A 188 18.42 -24.27 -11.96
N ARG A 189 18.22 -25.55 -12.22
CA ARG A 189 17.11 -26.27 -11.61
C ARG A 189 17.52 -26.92 -10.28
N THR A 190 16.52 -27.25 -9.47
CA THR A 190 16.75 -27.97 -8.22
C THR A 190 15.53 -28.85 -8.06
N LYS A 191 15.60 -29.75 -7.09
CA LYS A 191 14.52 -30.68 -6.84
C LYS A 191 13.48 -30.15 -5.88
N VAL A 192 12.23 -30.41 -6.24
CA VAL A 192 11.12 -30.10 -5.38
C VAL A 192 10.21 -31.33 -5.58
N LEU A 193 9.92 -32.03 -4.50
CA LEU A 193 9.04 -33.19 -4.59
C LEU A 193 9.48 -34.12 -5.74
N GLY A 194 10.78 -34.33 -5.87
CA GLY A 194 11.28 -35.19 -6.93
C GLY A 194 11.32 -34.67 -8.36
N GLN A 195 11.07 -33.38 -8.58
CA GLN A 195 11.16 -32.86 -9.94
C GLN A 195 12.15 -31.70 -10.01
N SER A 196 12.84 -31.59 -11.14
CA SER A 196 13.85 -30.54 -11.36
C SER A 196 13.18 -29.30 -11.90
N VAL A 197 13.00 -28.30 -11.04
CA VAL A 197 12.29 -27.07 -11.39
C VAL A 197 13.07 -25.79 -11.10
N PHE A 198 12.57 -24.69 -11.66
CA PHE A 198 13.17 -23.37 -11.45
C PHE A 198 12.38 -22.73 -10.33
N LEU A 199 13.07 -22.01 -9.46
CA LEU A 199 12.42 -21.36 -8.32
C LEU A 199 12.35 -19.84 -8.56
N ASN A 200 11.27 -19.22 -8.10
CA ASN A 200 11.11 -17.77 -8.26
C ASN A 200 10.80 -17.12 -6.91
N ASP A 201 11.80 -16.51 -6.29
CA ASP A 201 11.58 -15.85 -5.00
C ASP A 201 11.21 -14.40 -5.30
N ILE A 202 10.19 -13.95 -4.56
CA ILE A 202 9.63 -12.62 -4.74
C ILE A 202 9.67 -11.77 -3.46
N TYR A 203 10.18 -10.55 -3.58
CA TYR A 203 10.26 -9.63 -2.45
C TYR A 203 9.53 -8.32 -2.78
N TYR A 204 8.42 -8.06 -2.09
CA TYR A 204 7.66 -6.82 -2.29
C TYR A 204 8.47 -5.63 -1.80
N ALA A 205 8.29 -4.50 -2.48
CA ALA A 205 8.96 -3.25 -2.08
C ALA A 205 8.80 -3.05 -0.53
N SER A 206 7.66 -3.47 0.02
CA SER A 206 7.40 -3.31 1.46
C SER A 206 8.27 -4.16 2.39
N GLU A 207 8.84 -5.23 1.86
CA GLU A 207 9.70 -6.10 2.66
C GLU A 207 11.17 -5.69 2.50
N ILE A 208 11.44 -4.76 1.61
CA ILE A 208 12.83 -4.35 1.39
C ILE A 208 13.27 -3.28 2.38
N GLU A 209 13.77 -3.74 3.52
CA GLU A 209 14.21 -2.89 4.62
C GLU A 209 15.48 -2.12 4.35
N GLU A 210 16.53 -2.78 3.84
CA GLU A 210 17.76 -2.08 3.54
C GLU A 210 18.39 -2.59 2.24
N ILE A 211 19.13 -1.70 1.58
CA ILE A 211 19.81 -2.04 0.34
C ILE A 211 21.22 -1.50 0.49
N CYS A 212 22.22 -2.33 0.27
CA CYS A 212 23.57 -1.84 0.39
C CYS A 212 24.45 -2.25 -0.78
N LEU A 213 25.14 -1.26 -1.34
CA LEU A 213 26.07 -1.48 -2.44
C LEU A 213 27.41 -1.76 -1.80
N VAL A 214 27.93 -2.98 -1.97
CA VAL A 214 29.23 -3.35 -1.42
C VAL A 214 30.35 -2.88 -2.35
N ASP A 215 30.51 -3.56 -3.50
CA ASP A 215 31.52 -3.18 -4.50
C ASP A 215 30.73 -2.76 -5.73
N GLU A 216 31.46 -2.46 -6.79
CA GLU A 216 30.80 -2.18 -8.06
C GLU A 216 30.14 -3.44 -8.62
N ASN A 217 30.62 -4.57 -8.01
CA ASN A 217 30.15 -5.91 -8.41
C ASN A 217 29.30 -6.64 -7.36
N GLN A 218 28.93 -5.95 -6.29
CA GLN A 218 28.21 -6.63 -5.25
C GLN A 218 27.24 -5.78 -4.42
N PHE A 219 26.05 -6.32 -4.17
CA PHE A 219 25.10 -5.62 -3.32
C PHE A 219 24.41 -6.56 -2.36
N THR A 220 23.83 -5.97 -1.33
CA THR A 220 23.15 -6.75 -0.33
C THR A 220 21.73 -6.22 -0.17
N LEU A 221 20.78 -7.12 0.11
CA LEU A 221 19.38 -6.79 0.33
C LEU A 221 18.95 -7.36 1.68
N THR A 222 18.45 -6.50 2.56
CA THR A 222 17.95 -6.97 3.85
C THR A 222 16.44 -7.00 3.74
N ILE A 223 15.87 -8.19 3.91
CA ILE A 223 14.43 -8.39 3.81
C ILE A 223 13.83 -8.51 5.21
N ALA A 224 12.72 -7.81 5.44
CA ALA A 224 12.03 -7.86 6.74
C ALA A 224 11.76 -9.29 7.18
N ASN A 225 11.98 -9.54 8.46
CA ASN A 225 11.73 -10.86 9.06
C ASN A 225 12.56 -12.01 8.50
N GLN A 226 13.66 -11.71 7.84
CA GLN A 226 14.56 -12.77 7.36
C GLN A 226 15.91 -12.33 7.85
N GLY A 227 16.52 -13.14 8.72
CA GLY A 227 17.79 -12.79 9.30
C GLY A 227 18.93 -12.56 8.33
N THR A 228 19.36 -13.64 7.69
CA THR A 228 20.44 -13.59 6.72
C THR A 228 20.12 -12.65 5.55
N PRO A 229 20.96 -11.63 5.29
CA PRO A 229 20.62 -10.79 4.15
C PRO A 229 20.97 -11.53 2.84
N LEU A 230 20.40 -11.07 1.72
CA LEU A 230 20.70 -11.66 0.44
C LEU A 230 21.88 -10.88 -0.15
N THR A 231 22.79 -11.56 -0.81
CA THR A 231 23.89 -10.84 -1.46
C THR A 231 24.11 -11.42 -2.86
N PHE A 232 24.22 -10.51 -3.82
CA PHE A 232 24.41 -10.91 -5.19
C PHE A 232 25.62 -10.26 -5.79
N MET A 233 26.10 -10.87 -6.86
CA MET A 233 27.24 -10.39 -7.58
C MET A 233 26.75 -10.19 -9.01
N HIS A 234 27.22 -9.12 -9.63
CA HIS A 234 26.82 -8.78 -11.00
C HIS A 234 27.57 -7.51 -11.44
N GLN A 235 27.91 -7.42 -12.71
CA GLN A 235 28.66 -6.25 -13.20
C GLN A 235 27.92 -4.91 -13.13
N GLU A 236 26.59 -4.94 -13.15
CA GLU A 236 25.79 -3.73 -13.13
C GLU A 236 25.08 -3.47 -11.79
N CYS A 237 25.75 -3.80 -10.69
CA CYS A 237 25.16 -3.60 -9.37
C CYS A 237 24.70 -2.18 -9.05
N GLU A 238 25.49 -1.16 -9.40
CA GLU A 238 25.09 0.22 -9.13
C GLU A 238 23.69 0.45 -9.70
N ALA A 239 23.47 -0.03 -10.92
CA ALA A 239 22.17 0.13 -11.57
C ALA A 239 21.07 -0.73 -10.90
N ILE A 240 21.42 -1.92 -10.41
CA ILE A 240 20.41 -2.77 -9.78
C ILE A 240 19.93 -2.09 -8.50
N VAL A 241 20.89 -1.55 -7.74
CA VAL A 241 20.59 -0.86 -6.50
C VAL A 241 19.79 0.41 -6.78
N GLN A 242 20.22 1.20 -7.76
CA GLN A 242 19.49 2.42 -8.12
C GLN A 242 18.03 2.08 -8.42
N SER A 243 17.80 1.03 -9.19
CA SER A 243 16.44 0.67 -9.57
C SER A 243 15.59 0.16 -8.38
N ILE A 244 16.22 -0.51 -7.43
CA ILE A 244 15.46 -1.03 -6.27
C ILE A 244 15.19 0.10 -5.27
N ILE A 245 16.13 1.03 -5.16
CA ILE A 245 15.94 2.19 -4.28
C ILE A 245 14.71 2.98 -4.78
N HIS A 246 14.60 3.17 -6.09
CA HIS A 246 13.45 3.91 -6.69
C HIS A 246 12.12 3.25 -6.31
N ILE A 247 12.06 1.93 -6.50
CA ILE A 247 10.88 1.14 -6.20
C ILE A 247 10.50 1.21 -4.73
N ARG A 248 11.50 1.23 -3.86
CA ARG A 248 11.27 1.30 -2.41
C ARG A 248 10.80 2.71 -1.99
N THR A 249 11.40 3.74 -2.57
CA THR A 249 11.04 5.12 -2.27
C THR A 249 9.59 5.36 -2.66
N ARG A 250 9.21 4.97 -3.87
CA ARG A 250 7.82 5.14 -4.29
C ARG A 250 6.87 4.47 -3.30
N TRP A 251 7.22 3.26 -2.85
CA TRP A 251 6.35 2.58 -1.90
C TRP A 251 6.20 3.35 -0.57
N GLU A 252 7.33 3.80 -0.02
CA GLU A 252 7.32 4.53 1.24
C GLU A 252 6.46 5.80 1.18
N LEU A 253 6.51 6.46 0.02
CA LEU A 253 5.77 7.69 -0.23
C LEU A 253 4.24 7.50 -0.24
N SER A 254 3.78 6.25 -0.26
CA SER A 254 2.33 5.94 -0.30
C SER A 254 1.78 5.30 0.97
N GLN A 255 2.62 5.03 1.96
CA GLN A 255 2.13 4.37 3.18
C GLN A 255 1.05 5.23 3.83
N PRO A 256 0.28 4.64 4.75
CA PRO A 256 -0.77 5.35 5.45
C PRO A 256 -0.10 6.42 6.32
N ASP A 257 -0.91 7.32 6.87
CA ASP A 257 -0.42 8.40 7.70
C ASP A 257 0.22 7.98 9.03
N LYS B 1 11.87 7.84 27.11
CA LYS B 1 12.93 7.82 26.10
C LYS B 1 12.51 6.98 24.91
N GLU B 2 11.63 6.01 25.11
CA GLU B 2 11.16 5.14 24.04
C GLU B 2 10.34 5.92 23.01
N GLU B 3 9.08 6.23 23.33
CA GLU B 3 8.12 6.91 22.48
C GLU B 3 8.63 8.30 22.09
N PHE B 4 9.42 8.99 22.88
CA PHE B 4 9.91 10.32 22.54
C PHE B 4 10.90 10.30 21.38
N LYS B 5 11.82 9.33 21.48
CA LYS B 5 12.77 9.17 20.39
C LYS B 5 12.03 9.00 19.07
N ALA B 6 10.93 8.24 19.17
CA ALA B 6 10.08 7.94 18.02
C ALA B 6 9.43 9.15 17.32
N LEU B 7 9.00 10.14 18.09
CA LEU B 7 8.38 11.32 17.51
C LEU B 7 9.31 12.09 16.57
N LYS B 8 10.64 11.94 16.75
CA LYS B 8 11.59 12.64 15.92
C LYS B 8 11.79 11.93 14.59
N THR B 9 11.67 10.60 14.63
CA THR B 9 11.82 9.73 13.45
C THR B 9 10.60 9.93 12.54
N LEU B 10 9.47 10.20 13.20
CA LEU B 10 8.19 10.45 12.57
C LEU B 10 8.17 11.71 11.72
N SER B 11 8.85 12.74 12.17
CA SER B 11 8.86 13.99 11.42
C SER B 11 7.47 14.67 11.53
N ILE B 12 6.87 14.68 12.73
CA ILE B 12 5.59 15.37 12.96
C ILE B 12 5.93 16.86 12.98
N PHE B 13 7.02 17.20 13.67
CA PHE B 13 7.47 18.58 13.85
C PHE B 13 8.98 18.74 13.70
N TYR B 14 9.41 19.54 12.74
CA TYR B 14 10.85 19.70 12.51
C TYR B 14 11.18 21.05 11.91
N GLN B 15 12.41 21.50 12.16
CA GLN B 15 12.94 22.78 11.67
C GLN B 15 13.54 22.51 10.29
N ALA B 16 13.34 23.42 9.36
CA ALA B 16 13.96 23.26 8.06
C ALA B 16 13.77 24.51 7.24
N GLY B 17 14.89 25.09 6.83
CA GLY B 17 14.86 26.27 6.00
C GLY B 17 14.77 27.58 6.71
N THR B 18 14.80 28.64 5.88
CA THR B 18 14.72 30.01 6.32
C THR B 18 13.79 30.76 5.36
N SER B 19 12.92 31.59 5.91
CA SER B 19 12.01 32.36 5.05
C SER B 19 12.67 33.53 4.34
N LYS B 20 11.97 34.10 3.36
CA LYS B 20 12.46 35.27 2.61
C LYS B 20 12.71 36.47 3.57
N ALA B 21 11.99 36.50 4.70
CA ALA B 21 12.16 37.57 5.68
C ALA B 21 13.30 37.23 6.66
N GLY B 22 14.02 36.16 6.38
CA GLY B 22 15.13 35.75 7.22
C GLY B 22 14.86 34.95 8.50
N ASN B 23 13.67 34.42 8.68
CA ASN B 23 13.38 33.64 9.90
C ASN B 23 13.35 32.13 9.72
N PRO B 24 13.86 31.38 10.71
CA PRO B 24 13.85 29.92 10.60
C PRO B 24 12.42 29.38 10.53
N ILE B 25 12.24 28.35 9.72
CA ILE B 25 10.93 27.75 9.52
C ILE B 25 10.78 26.41 10.23
N PHE B 26 9.57 26.12 10.67
CA PHE B 26 9.28 24.83 11.27
C PHE B 26 8.02 24.27 10.58
N TYR B 27 7.99 22.95 10.43
CA TYR B 27 6.87 22.26 9.80
C TYR B 27 6.12 21.39 10.80
N TYR B 28 4.78 21.51 10.80
CA TYR B 28 3.94 20.64 11.65
C TYR B 28 3.13 19.81 10.63
N VAL B 29 3.29 18.49 10.67
CA VAL B 29 2.62 17.60 9.70
C VAL B 29 1.47 16.98 10.44
N ALA B 30 0.31 17.62 10.32
CA ALA B 30 -0.88 17.24 11.07
C ALA B 30 -1.33 15.79 10.98
N ARG B 31 -1.25 15.17 9.80
CA ARG B 31 -1.71 13.78 9.68
C ARG B 31 -0.85 12.76 10.41
N ARG B 32 0.33 13.17 10.87
CA ARG B 32 1.18 12.20 11.56
C ARG B 32 0.87 12.07 13.05
N PHE B 33 -0.06 12.88 13.54
CA PHE B 33 -0.45 12.81 14.95
C PHE B 33 -1.72 11.95 15.03
N LYS B 34 -1.65 10.88 15.81
CA LYS B 34 -2.81 9.99 16.01
C LYS B 34 -3.37 10.17 17.42
N THR B 35 -4.47 10.92 17.49
CA THR B 35 -5.17 11.23 18.73
C THR B 35 -5.04 10.23 19.88
N GLY B 36 -5.39 8.97 19.62
CA GLY B 36 -5.28 8.02 20.72
C GLY B 36 -4.00 7.21 20.89
N GLN B 37 -3.11 7.28 19.90
CA GLN B 37 -1.87 6.51 19.95
C GLN B 37 -0.72 7.24 20.63
N ILE B 38 -0.46 8.47 20.18
CA ILE B 38 0.63 9.30 20.70
C ILE B 38 0.25 10.05 21.97
N ASN B 39 1.16 10.07 22.96
CA ASN B 39 0.91 10.77 24.23
C ASN B 39 1.10 12.29 24.05
N GLY B 40 0.04 13.03 24.36
CA GLY B 40 0.05 14.47 24.20
C GLY B 40 1.25 15.18 24.78
N ASP B 41 1.53 14.93 26.05
CA ASP B 41 2.67 15.58 26.70
C ASP B 41 3.97 15.35 25.93
N LEU B 42 4.18 14.13 25.43
CA LEU B 42 5.40 13.85 24.68
C LEU B 42 5.52 14.77 23.47
N LEU B 43 4.43 14.91 22.71
CA LEU B 43 4.44 15.77 21.54
C LEU B 43 4.71 17.22 21.94
N ILE B 44 4.03 17.69 22.98
CA ILE B 44 4.21 19.06 23.47
C ILE B 44 5.67 19.28 23.82
N TYR B 45 6.24 18.32 24.55
CA TYR B 45 7.63 18.39 24.97
C TYR B 45 8.59 18.36 23.77
N HIS B 46 8.32 17.49 22.80
CA HIS B 46 9.15 17.40 21.60
C HIS B 46 9.06 18.68 20.79
N VAL B 47 7.89 19.30 20.74
CA VAL B 47 7.78 20.57 20.03
C VAL B 47 8.58 21.62 20.80
N LEU B 48 8.37 21.64 22.12
CA LEU B 48 9.06 22.58 23.01
C LEU B 48 10.59 22.55 22.88
N LEU B 49 11.19 21.37 22.98
CA LEU B 49 12.62 21.23 22.85
C LEU B 49 13.11 21.52 21.43
N THR B 50 12.22 21.42 20.44
CA THR B 50 12.61 21.72 19.06
C THR B 50 12.62 23.22 18.87
N LEU B 51 11.61 23.89 19.39
CA LEU B 51 11.53 25.36 19.28
C LEU B 51 12.36 26.16 20.28
N LYS B 52 12.66 25.57 21.43
CA LYS B 52 13.38 26.30 22.50
C LYS B 52 14.61 27.08 22.09
N PRO B 53 15.48 26.50 21.26
CA PRO B 53 16.68 27.24 20.83
C PRO B 53 16.33 28.46 20.00
N TYR B 54 15.13 28.46 19.45
CA TYR B 54 14.73 29.53 18.54
C TYR B 54 13.65 30.50 18.94
N TYR B 55 12.76 30.10 19.84
CA TYR B 55 11.61 30.94 20.07
C TYR B 55 11.71 32.26 20.79
N ALA B 56 12.93 32.67 21.11
CA ALA B 56 13.13 33.96 21.75
C ALA B 56 13.41 34.94 20.63
N LYS B 57 13.37 34.44 19.39
CA LYS B 57 13.59 35.29 18.20
C LYS B 57 12.49 34.98 17.18
N PRO B 58 12.34 35.83 16.15
CA PRO B 58 11.30 35.60 15.14
C PRO B 58 11.47 34.27 14.43
N TYR B 59 10.36 33.53 14.26
CA TYR B 59 10.37 32.26 13.56
C TYR B 59 9.02 32.06 12.88
N GLU B 60 8.97 31.17 11.90
CA GLU B 60 7.72 30.93 11.17
C GLU B 60 7.31 29.46 11.20
N ILE B 61 6.02 29.19 11.00
CA ILE B 61 5.50 27.83 11.04
C ILE B 61 4.67 27.48 9.81
N VAL B 62 4.92 26.29 9.25
CA VAL B 62 4.16 25.82 8.10
C VAL B 62 3.30 24.68 8.65
N VAL B 63 1.98 24.81 8.57
CA VAL B 63 1.14 23.73 9.06
C VAL B 63 0.66 22.95 7.83
N ASP B 64 1.13 21.71 7.73
CA ASP B 64 0.76 20.88 6.60
C ASP B 64 -0.46 20.06 7.01
N LEU B 65 -1.63 20.55 6.56
CA LEU B 65 -2.91 19.92 6.84
C LEU B 65 -3.35 18.85 5.83
N THR B 66 -2.49 18.45 4.88
CA THR B 66 -2.99 17.45 3.94
C THR B 66 -3.52 16.20 4.60
N HIS B 67 -4.71 15.79 4.16
CA HIS B 67 -5.38 14.59 4.63
C HIS B 67 -5.66 14.49 6.12
N THR B 68 -5.77 15.65 6.76
CA THR B 68 -6.02 15.76 8.19
C THR B 68 -7.49 15.52 8.52
N GLY B 69 -7.75 14.55 9.39
CA GLY B 69 -9.11 14.21 9.76
C GLY B 69 -9.35 14.00 11.25
N PRO B 70 -10.53 13.49 11.64
CA PRO B 70 -10.81 13.27 13.07
C PRO B 70 -9.78 12.40 13.81
N SER B 71 -9.11 11.50 13.08
CA SER B 71 -8.12 10.67 13.75
C SER B 71 -6.84 11.44 14.08
N ASN B 72 -6.76 12.72 13.67
CA ASN B 72 -5.57 13.56 13.93
C ASN B 72 -5.91 14.77 14.77
N ARG B 73 -7.12 14.78 15.30
CA ARG B 73 -7.53 15.94 16.06
C ARG B 73 -6.87 16.10 17.40
N PHE B 74 -6.78 17.37 17.82
CA PHE B 74 -6.29 17.74 19.16
C PHE B 74 -7.61 17.86 19.93
N LYS B 75 -7.79 17.04 20.95
CA LYS B 75 -9.02 17.08 21.76
C LYS B 75 -9.09 18.39 22.48
N THR B 76 -10.31 18.83 22.74
CA THR B 76 -10.59 20.09 23.43
C THR B 76 -9.58 20.45 24.54
N ASP B 77 -9.37 19.56 25.50
CA ASP B 77 -8.43 19.85 26.59
C ASP B 77 -6.98 19.98 26.14
N PHE B 78 -6.60 19.16 25.17
CA PHE B 78 -5.25 19.21 24.63
C PHE B 78 -5.06 20.50 23.84
N LEU B 79 -6.07 20.85 23.03
CA LEU B 79 -6.02 22.07 22.22
C LEU B 79 -5.73 23.29 23.09
N SER B 80 -6.49 23.47 24.17
CA SER B 80 -6.29 24.63 25.04
C SER B 80 -4.96 24.56 25.82
N LYS B 81 -4.47 23.35 26.08
CA LYS B 81 -3.20 23.16 26.76
C LYS B 81 -2.08 23.78 25.91
N TRP B 82 -2.16 23.58 24.59
CA TRP B 82 -1.17 24.12 23.65
C TRP B 82 -0.99 25.62 23.79
N PHE B 83 -2.06 26.30 24.14
CA PHE B 83 -1.99 27.74 24.27
C PHE B 83 -1.56 28.24 25.63
N VAL B 84 -1.34 27.32 26.58
CA VAL B 84 -0.92 27.74 27.91
C VAL B 84 0.56 27.40 28.21
N VAL B 85 1.02 26.24 27.77
CA VAL B 85 2.39 25.77 28.03
C VAL B 85 3.64 26.53 27.59
N PHE B 86 3.67 27.09 26.39
CA PHE B 86 4.87 27.80 25.95
C PHE B 86 4.89 29.19 26.56
N PRO B 87 6.08 29.75 26.79
CA PRO B 87 6.11 31.10 27.37
C PRO B 87 5.38 32.07 26.44
N GLY B 88 4.99 33.23 26.96
CA GLY B 88 4.28 34.21 26.15
C GLY B 88 5.01 34.79 24.95
N PHE B 89 6.31 35.04 25.10
CA PHE B 89 7.10 35.60 24.00
C PHE B 89 7.23 34.60 22.83
N ALA B 90 7.08 33.31 23.14
CA ALA B 90 7.17 32.25 22.14
C ALA B 90 6.04 32.42 21.13
N TYR B 91 4.84 32.71 21.63
CA TYR B 91 3.70 32.94 20.76
C TYR B 91 3.87 34.29 20.06
N ASP B 92 4.47 35.26 20.75
CA ASP B 92 4.65 36.57 20.14
C ASP B 92 5.66 36.58 19.01
N ASN B 93 6.63 35.67 19.07
CA ASN B 93 7.64 35.64 18.03
C ASN B 93 7.26 34.93 16.75
N VAL B 94 6.12 34.26 16.72
CA VAL B 94 5.69 33.60 15.47
C VAL B 94 5.29 34.69 14.47
N SER B 95 6.15 34.97 13.50
CA SER B 95 5.88 36.03 12.50
C SER B 95 4.83 35.67 11.45
N ALA B 96 4.68 34.39 11.18
CA ALA B 96 3.73 33.95 10.18
C ALA B 96 3.45 32.46 10.33
N VAL B 97 2.19 32.09 10.08
CA VAL B 97 1.74 30.71 10.13
C VAL B 97 1.14 30.41 8.77
N TYR B 98 1.74 29.48 8.03
CA TYR B 98 1.25 29.12 6.70
C TYR B 98 0.40 27.86 6.79
N ILE B 99 -0.83 27.96 6.30
CA ILE B 99 -1.75 26.83 6.36
C ILE B 99 -1.85 26.21 4.99
N TYR B 100 -1.34 24.99 4.90
CA TYR B 100 -1.28 24.24 3.64
C TYR B 100 -2.28 23.06 3.55
N ASN B 101 -3.02 23.00 2.45
CA ASN B 101 -4.00 21.95 2.24
C ASN B 101 -5.14 21.87 3.28
N CYS B 102 -5.62 23.03 3.70
CA CYS B 102 -6.73 23.06 4.64
C CYS B 102 -7.88 22.32 3.93
N ASN B 103 -8.71 21.63 4.68
CA ASN B 103 -9.79 20.89 4.05
C ASN B 103 -11.12 21.04 4.82
N SER B 104 -12.17 20.37 4.36
CA SER B 104 -13.48 20.43 4.98
C SER B 104 -13.54 19.99 6.45
N TRP B 105 -12.91 18.88 6.81
CA TRP B 105 -12.94 18.50 8.22
C TRP B 105 -12.27 19.58 9.12
N VAL B 106 -11.10 20.07 8.71
CA VAL B 106 -10.40 21.09 9.48
C VAL B 106 -11.26 22.36 9.61
N ARG B 107 -11.95 22.72 8.53
CA ARG B 107 -12.80 23.89 8.60
C ARG B 107 -13.86 23.68 9.69
N GLU B 108 -14.50 22.51 9.72
CA GLU B 108 -15.50 22.27 10.74
C GLU B 108 -14.87 22.27 12.12
N TYR B 109 -13.67 21.70 12.24
CA TYR B 109 -13.02 21.66 13.55
C TYR B 109 -12.79 23.08 14.10
N THR B 110 -12.40 24.01 13.23
CA THR B 110 -12.17 25.39 13.64
C THR B 110 -13.49 26.11 13.98
N LYS B 111 -14.59 25.71 13.37
CA LYS B 111 -15.85 26.33 13.71
C LYS B 111 -16.28 25.85 15.10
N TYR B 112 -16.15 24.56 15.35
CA TYR B 112 -16.51 24.00 16.63
C TYR B 112 -15.62 24.51 17.77
N HIS B 113 -14.35 24.77 17.47
CA HIS B 113 -13.42 25.28 18.48
C HIS B 113 -13.20 26.79 18.30
N GLU B 114 -14.13 27.42 17.59
CA GLU B 114 -14.09 28.87 17.31
C GLU B 114 -13.82 29.77 18.52
N ARG B 115 -14.49 29.53 19.64
CA ARG B 115 -14.30 30.39 20.80
C ARG B 115 -12.84 30.52 21.19
N LEU B 116 -12.15 29.39 21.19
CA LEU B 116 -10.75 29.34 21.55
C LEU B 116 -9.78 29.84 20.45
N LEU B 117 -9.94 29.39 19.21
CA LEU B 117 -9.03 29.79 18.13
C LEU B 117 -9.03 31.29 17.77
N THR B 118 -9.84 32.08 18.44
CA THR B 118 -9.90 33.53 18.20
C THR B 118 -8.54 34.24 18.07
N GLY B 119 -7.55 33.84 18.88
CA GLY B 119 -6.24 34.47 18.84
C GLY B 119 -5.71 34.67 17.43
N LEU B 120 -5.78 33.61 16.61
CA LEU B 120 -5.30 33.62 15.23
C LEU B 120 -6.27 34.36 14.28
N SER B 123 -5.08 38.02 14.57
CA SER B 123 -3.72 38.37 14.03
C SER B 123 -3.56 37.99 12.56
N LYS B 124 -3.21 38.98 11.73
CA LYS B 124 -3.01 38.75 10.31
C LYS B 124 -1.77 37.89 10.08
N ARG B 125 -1.44 37.03 11.05
CA ARG B 125 -0.29 36.16 10.95
C ARG B 125 -0.60 34.89 10.17
N LEU B 126 -1.88 34.52 10.02
CA LEU B 126 -2.31 33.33 9.29
C LEU B 126 -2.37 33.53 7.78
N VAL B 127 -1.57 32.76 7.06
CA VAL B 127 -1.55 32.85 5.62
C VAL B 127 -1.94 31.48 5.05
N PHE B 128 -3.05 31.46 4.33
CA PHE B 128 -3.54 30.24 3.73
C PHE B 128 -2.93 30.15 2.36
N ILE B 129 -2.32 29.01 2.09
CA ILE B 129 -1.65 28.74 0.83
C ILE B 129 -2.67 27.99 -0.03
N ASP B 130 -3.35 28.74 -0.89
CA ASP B 130 -4.40 28.19 -1.74
C ASP B 130 -3.87 27.58 -3.02
N CYS B 131 -2.56 27.54 -3.15
CA CYS B 131 -1.91 26.98 -4.33
C CYS B 131 -0.48 26.67 -3.91
N PRO B 132 0.01 25.45 -4.19
CA PRO B 132 1.39 25.11 -3.80
C PRO B 132 2.46 26.08 -4.31
N GLY B 133 2.12 26.89 -5.31
CA GLY B 133 3.06 27.86 -5.84
C GLY B 133 3.24 29.08 -4.93
N LYS B 134 2.13 29.62 -4.44
CA LYS B 134 2.09 30.81 -3.59
C LYS B 134 2.99 30.64 -2.37
N LEU B 135 3.37 29.44 -1.95
CA LEU B 135 4.24 29.28 -0.79
C LEU B 135 5.56 29.97 -1.11
N ALA B 136 5.94 29.93 -2.38
CA ALA B 136 7.17 30.53 -2.88
C ALA B 136 7.24 32.03 -2.59
N GLU B 137 6.08 32.69 -2.59
CA GLU B 137 6.01 34.12 -2.31
C GLU B 137 6.52 34.45 -0.91
N HIS B 138 6.84 33.45 -0.09
CA HIS B 138 7.33 33.64 1.29
C HIS B 138 8.56 32.83 1.62
N ILE B 139 8.73 31.74 0.90
CA ILE B 139 9.87 30.87 1.10
C ILE B 139 10.29 30.49 -0.32
N GLU B 140 11.56 30.75 -0.65
CA GLU B 140 12.08 30.41 -1.97
C GLU B 140 11.84 28.90 -2.13
N HIS B 141 11.58 28.47 -3.36
CA HIS B 141 11.33 27.06 -3.59
C HIS B 141 12.37 26.15 -2.93
N GLU B 142 13.64 26.37 -3.24
CA GLU B 142 14.70 25.54 -2.69
C GLU B 142 14.85 25.57 -1.17
N GLN B 143 14.15 26.50 -0.52
CA GLN B 143 14.23 26.55 0.93
C GLN B 143 13.08 25.72 1.56
N GLN B 144 12.12 25.32 0.73
CA GLN B 144 10.95 24.55 1.16
C GLN B 144 11.21 23.09 1.52
N LYS B 145 10.54 22.58 2.58
CA LYS B 145 10.76 21.19 2.94
C LYS B 145 9.46 20.55 3.43
N LEU B 146 8.42 20.59 2.61
CA LEU B 146 7.17 19.89 2.89
C LEU B 146 7.51 18.40 2.74
N PRO B 147 6.83 17.51 3.49
CA PRO B 147 7.08 16.06 3.41
C PRO B 147 7.08 15.57 1.92
N ALA B 148 7.93 14.60 1.59
CA ALA B 148 7.99 14.07 0.21
C ALA B 148 6.64 13.47 -0.15
N ALA B 149 6.02 12.77 0.81
CA ALA B 149 4.68 12.18 0.58
C ALA B 149 3.61 13.25 0.24
N THR B 150 3.72 14.47 0.76
CA THR B 150 2.76 15.55 0.45
C THR B 150 3.02 16.01 -0.97
N LEU B 151 4.30 16.28 -1.24
CA LEU B 151 4.72 16.72 -2.55
C LEU B 151 4.31 15.69 -3.63
N ALA B 152 4.42 14.40 -3.31
CA ALA B 152 4.05 13.37 -4.29
C ALA B 152 2.58 13.46 -4.75
N LEU B 153 1.68 13.94 -3.88
CA LEU B 153 0.25 14.04 -4.22
C LEU B 153 -0.03 15.00 -5.36
N GLU B 154 0.92 15.87 -5.66
CA GLU B 154 0.74 16.85 -6.75
C GLU B 154 1.18 16.36 -8.14
N GLU B 155 1.76 15.16 -8.23
CA GLU B 155 2.35 14.74 -9.50
C GLU B 155 1.37 13.88 -10.29
N ASP B 156 1.46 14.09 -11.64
CA ASP B 156 0.69 13.30 -12.60
C ASP B 156 -0.81 13.27 -12.31
N LEU B 157 -1.40 14.45 -12.29
CA LEU B 157 -2.81 14.54 -12.01
C LEU B 157 -3.65 14.68 -13.27
N LYS B 158 -4.72 13.92 -13.30
CA LYS B 158 -5.72 14.12 -14.34
C LYS B 158 -6.86 14.99 -13.82
N VAL B 159 -6.88 16.23 -14.24
CA VAL B 159 -7.82 17.23 -13.71
C VAL B 159 -9.13 17.49 -14.45
N PHE B 160 -10.24 17.38 -13.74
CA PHE B 160 -11.54 17.65 -14.34
C PHE B 160 -12.16 18.89 -13.69
N HIS B 161 -12.13 20.01 -14.40
CA HIS B 161 -12.71 21.25 -13.91
C HIS B 161 -14.22 21.27 -14.11
N ASN B 162 -14.85 22.26 -13.49
CA ASN B 162 -16.26 22.48 -13.63
C ASN B 162 -17.16 21.35 -13.17
N ALA B 163 -16.75 20.63 -12.13
CA ALA B 163 -17.61 19.58 -11.56
C ALA B 163 -18.48 20.30 -10.53
N LEU B 164 -19.53 19.63 -10.09
CA LEU B 164 -20.41 20.20 -9.10
C LEU B 164 -20.66 19.15 -8.00
N LYS B 165 -20.27 19.49 -6.78
CA LYS B 165 -20.52 18.57 -5.68
C LYS B 165 -21.94 18.87 -5.16
N LEU B 166 -22.77 17.83 -5.12
CA LEU B 166 -24.14 17.96 -4.64
C LEU B 166 -24.26 17.66 -3.14
N ALA B 167 -24.98 18.53 -2.44
CA ALA B 167 -25.21 18.37 -1.00
C ALA B 167 -26.33 19.35 -0.62
N HIS B 168 -26.56 19.55 0.68
CA HIS B 168 -27.59 20.51 1.09
C HIS B 168 -27.27 21.77 0.29
N LYS B 169 -26.01 22.11 0.27
CA LYS B 169 -25.51 23.22 -0.53
C LYS B 169 -24.54 22.74 -1.59
N ASP B 170 -24.83 22.99 -2.84
CA ASP B 170 -23.96 22.55 -3.92
C ASP B 170 -22.72 23.44 -3.96
N THR B 171 -21.61 22.86 -4.42
CA THR B 171 -20.37 23.59 -4.48
C THR B 171 -19.60 23.22 -5.73
N LYS B 172 -19.16 24.26 -6.45
CA LYS B 172 -18.35 24.06 -7.64
C LYS B 172 -16.97 23.53 -7.26
N VAL B 173 -16.48 22.51 -7.96
CA VAL B 173 -15.19 21.91 -7.64
C VAL B 173 -14.45 21.37 -8.85
N SER B 174 -13.19 21.04 -8.61
CA SER B 174 -12.34 20.44 -9.60
C SER B 174 -12.02 19.09 -8.98
N ILE B 175 -12.09 18.02 -9.78
CA ILE B 175 -11.79 16.68 -9.29
C ILE B 175 -10.45 16.28 -9.87
N LYS B 176 -9.49 15.92 -9.02
CA LYS B 176 -8.18 15.57 -9.50
C LYS B 176 -7.85 14.15 -9.06
N VAL B 177 -7.49 13.34 -10.05
CA VAL B 177 -7.17 11.95 -9.84
C VAL B 177 -5.67 11.76 -10.05
N GLY B 178 -4.99 11.27 -9.02
CA GLY B 178 -3.55 11.03 -9.09
C GLY B 178 -3.41 9.54 -8.95
N SER B 179 -2.18 9.00 -8.93
CA SER B 179 -2.03 7.54 -8.84
C SER B 179 -2.41 6.91 -7.52
N THR B 180 -2.43 7.72 -6.48
CA THR B 180 -2.74 7.20 -5.16
C THR B 180 -3.91 7.86 -4.48
N ALA B 181 -4.46 8.89 -5.11
CA ALA B 181 -5.57 9.57 -4.48
C ALA B 181 -6.43 10.42 -5.38
N VAL B 182 -7.62 10.72 -4.87
CA VAL B 182 -8.54 11.60 -5.53
C VAL B 182 -8.61 12.86 -4.65
N GLN B 183 -8.47 14.01 -5.29
CA GLN B 183 -8.53 15.28 -4.58
C GLN B 183 -9.67 16.12 -5.13
N VAL B 184 -10.54 16.59 -4.25
CA VAL B 184 -11.59 17.48 -4.70
C VAL B 184 -11.33 18.87 -4.08
N THR B 185 -11.05 19.80 -4.97
CA THR B 185 -10.68 21.16 -4.66
C THR B 185 -11.79 22.13 -4.96
N SER B 186 -12.16 22.99 -4.02
CA SER B 186 -13.21 23.99 -4.26
C SER B 186 -12.77 25.04 -5.26
N ALA B 187 -13.66 25.39 -6.18
CA ALA B 187 -13.34 26.47 -7.13
C ALA B 187 -13.93 27.78 -6.58
N GLU B 188 -14.47 27.73 -5.37
CA GLU B 188 -15.01 28.90 -4.70
C GLU B 188 -14.50 28.99 -3.27
N ARG B 189 -14.22 30.19 -2.79
CA ARG B 189 -13.70 30.42 -1.45
C ARG B 189 -14.78 30.31 -0.36
N THR B 190 -14.38 29.88 0.84
CA THR B 190 -15.23 29.84 2.03
C THR B 190 -14.30 30.49 3.02
N LYS B 191 -14.83 30.69 4.23
CA LYS B 191 -14.10 31.31 5.33
C LYS B 191 -13.63 30.20 6.25
N VAL B 192 -12.43 30.33 6.76
CA VAL B 192 -11.99 29.33 7.72
C VAL B 192 -11.75 29.99 9.08
N LEU B 193 -10.91 31.00 9.18
CA LEU B 193 -10.82 31.60 10.54
C LEU B 193 -10.86 33.08 10.23
N GLY B 194 -11.97 33.50 9.65
CA GLY B 194 -12.16 34.87 9.24
C GLY B 194 -11.55 35.09 7.86
N GLN B 195 -10.83 34.11 7.33
CA GLN B 195 -10.20 34.25 6.02
C GLN B 195 -10.83 33.43 4.88
N SER B 196 -10.78 33.99 3.68
CA SER B 196 -11.34 33.36 2.49
C SER B 196 -10.31 32.41 1.89
N VAL B 197 -10.67 31.13 1.77
CA VAL B 197 -9.73 30.16 1.23
C VAL B 197 -10.35 29.05 0.42
N PHE B 198 -9.51 28.40 -0.38
CA PHE B 198 -9.97 27.27 -1.19
C PHE B 198 -9.67 25.98 -0.43
N LEU B 199 -10.68 25.17 -0.19
CA LEU B 199 -10.50 23.92 0.51
C LEU B 199 -10.06 22.77 -0.44
N ASN B 200 -9.28 21.83 0.09
CA ASN B 200 -8.86 20.70 -0.72
C ASN B 200 -9.02 19.35 0.02
N ASP B 201 -10.11 18.65 -0.29
CA ASP B 201 -10.40 17.37 0.33
C ASP B 201 -9.69 16.23 -0.41
N ILE B 202 -9.01 15.37 0.34
CA ILE B 202 -8.22 14.29 -0.23
C ILE B 202 -8.67 12.92 0.22
N TYR B 203 -8.86 12.04 -0.76
CA TYR B 203 -9.30 10.70 -0.47
C TYR B 203 -8.32 9.74 -1.11
N TYR B 204 -7.62 9.00 -0.25
CA TYR B 204 -6.63 8.02 -0.68
C TYR B 204 -7.38 6.85 -1.35
N ALA B 205 -6.77 6.25 -2.36
CA ALA B 205 -7.38 5.09 -3.03
C ALA B 205 -7.82 4.07 -1.99
N SER B 206 -7.06 3.98 -0.90
CA SER B 206 -7.36 3.02 0.16
C SER B 206 -8.62 3.34 0.98
N GLU B 207 -9.19 4.53 0.82
CA GLU B 207 -10.40 4.89 1.56
C GLU B 207 -11.65 4.85 0.66
N ILE B 208 -11.44 4.59 -0.62
CA ILE B 208 -12.57 4.55 -1.54
C ILE B 208 -13.21 3.17 -1.55
N GLU B 209 -14.29 3.01 -0.80
CA GLU B 209 -14.99 1.73 -0.70
C GLU B 209 -15.85 1.38 -1.92
N GLU B 210 -16.43 2.40 -2.56
CA GLU B 210 -17.25 2.14 -3.74
C GLU B 210 -17.26 3.28 -4.71
N ILE B 211 -17.34 2.92 -5.99
CA ILE B 211 -17.38 3.87 -7.09
C ILE B 211 -18.64 3.52 -7.92
N CYS B 212 -19.59 4.45 -7.97
CA CYS B 212 -20.83 4.24 -8.74
C CYS B 212 -21.06 5.28 -9.83
N LEU B 213 -21.34 4.80 -11.03
CA LEU B 213 -21.67 5.66 -12.16
C LEU B 213 -23.19 5.66 -12.24
N VAL B 214 -23.81 6.80 -11.93
CA VAL B 214 -25.26 6.91 -11.99
C VAL B 214 -25.67 7.12 -13.46
N ASP B 215 -25.09 8.13 -14.09
CA ASP B 215 -25.32 8.39 -15.52
C ASP B 215 -24.15 9.14 -16.15
N GLU B 216 -24.32 9.52 -17.42
CA GLU B 216 -23.30 10.23 -18.18
C GLU B 216 -22.74 11.44 -17.42
N ASN B 217 -23.55 12.06 -16.56
CA ASN B 217 -23.08 13.23 -15.83
C ASN B 217 -23.21 13.23 -14.33
N GLN B 218 -23.22 12.05 -13.72
CA GLN B 218 -23.29 11.97 -12.28
C GLN B 218 -22.68 10.69 -11.70
N PHE B 219 -21.81 10.82 -10.70
CA PHE B 219 -21.23 9.63 -10.07
C PHE B 219 -21.11 9.87 -8.58
N THR B 220 -20.92 8.78 -7.83
CA THR B 220 -20.75 8.89 -6.39
C THR B 220 -19.55 8.05 -5.92
N LEU B 221 -19.09 8.38 -4.72
CA LEU B 221 -17.96 7.70 -4.10
C LEU B 221 -18.35 7.42 -2.65
N THR B 222 -18.19 6.17 -2.19
CA THR B 222 -18.46 5.86 -0.79
C THR B 222 -17.08 5.86 -0.14
N ILE B 223 -16.94 6.65 0.92
CA ILE B 223 -15.68 6.83 1.63
C ILE B 223 -15.69 6.19 3.01
N ALA B 224 -14.63 5.45 3.31
CA ALA B 224 -14.53 4.79 4.61
C ALA B 224 -14.79 5.78 5.73
N ASN B 225 -15.55 5.30 6.71
CA ASN B 225 -15.90 6.09 7.90
C ASN B 225 -16.76 7.31 7.64
N GLN B 226 -17.46 7.32 6.51
CA GLN B 226 -18.36 8.42 6.20
C GLN B 226 -19.66 7.78 5.74
N GLY B 227 -20.70 7.97 6.54
CA GLY B 227 -21.99 7.37 6.24
C GLY B 227 -22.68 7.81 4.96
N THR B 228 -22.43 9.06 4.55
CA THR B 228 -23.06 9.59 3.35
C THR B 228 -22.10 9.63 2.17
N PRO B 229 -22.54 9.16 1.00
CA PRO B 229 -21.71 9.17 -0.19
C PRO B 229 -21.43 10.60 -0.64
N LEU B 230 -20.39 10.74 -1.44
CA LEU B 230 -20.00 12.00 -2.00
C LEU B 230 -20.62 11.91 -3.38
N THR B 231 -21.44 12.88 -3.78
CA THR B 231 -22.01 12.79 -5.12
C THR B 231 -21.67 14.01 -5.97
N PHE B 232 -21.22 13.74 -7.19
CA PHE B 232 -20.81 14.78 -8.10
C PHE B 232 -21.49 14.73 -9.46
N MET B 233 -21.50 15.88 -10.12
CA MET B 233 -22.06 15.98 -11.45
C MET B 233 -21.00 16.56 -12.36
N HIS B 234 -20.93 16.07 -13.58
CA HIS B 234 -19.95 16.57 -14.51
C HIS B 234 -20.30 16.01 -15.89
N GLN B 235 -19.93 16.73 -16.95
CA GLN B 235 -20.25 16.24 -18.28
C GLN B 235 -19.50 14.93 -18.63
N GLU B 236 -18.37 14.68 -17.98
CA GLU B 236 -17.56 13.50 -18.27
C GLU B 236 -17.43 12.50 -17.12
N CYS B 237 -18.53 12.22 -16.43
CA CYS B 237 -18.50 11.31 -15.30
C CYS B 237 -18.03 9.89 -15.60
N GLU B 238 -18.37 9.35 -16.77
CA GLU B 238 -17.86 8.01 -17.06
C GLU B 238 -16.33 8.06 -17.20
N ALA B 239 -15.79 9.15 -17.75
CA ALA B 239 -14.33 9.22 -17.86
C ALA B 239 -13.71 9.40 -16.46
N ILE B 240 -14.41 10.08 -15.57
CA ILE B 240 -13.91 10.31 -14.22
C ILE B 240 -13.94 8.98 -13.46
N VAL B 241 -15.04 8.26 -13.58
CA VAL B 241 -15.19 6.96 -12.96
C VAL B 241 -14.12 5.96 -13.44
N GLN B 242 -13.84 5.95 -14.74
CA GLN B 242 -12.81 5.08 -15.31
C GLN B 242 -11.48 5.36 -14.59
N SER B 243 -11.12 6.64 -14.53
CA SER B 243 -9.90 7.11 -13.87
C SER B 243 -9.73 6.60 -12.44
N ILE B 244 -10.78 6.75 -11.65
CA ILE B 244 -10.76 6.35 -10.27
C ILE B 244 -10.73 4.83 -10.15
N ILE B 245 -11.46 4.12 -11.02
CA ILE B 245 -11.42 2.66 -11.00
C ILE B 245 -9.98 2.19 -11.30
N HIS B 246 -9.36 2.72 -12.34
CA HIS B 246 -8.00 2.31 -12.65
C HIS B 246 -7.10 2.55 -11.43
N ILE B 247 -7.20 3.74 -10.84
CA ILE B 247 -6.40 4.10 -9.67
C ILE B 247 -6.62 3.17 -8.50
N ARG B 248 -7.87 2.86 -8.19
CA ARG B 248 -8.10 2.00 -7.05
C ARG B 248 -7.70 0.56 -7.32
N THR B 249 -7.83 0.15 -8.57
CA THR B 249 -7.46 -1.21 -8.95
C THR B 249 -5.95 -1.38 -8.85
N ARG B 250 -5.18 -0.38 -9.30
CA ARG B 250 -3.75 -0.48 -9.21
C ARG B 250 -3.37 -0.61 -7.73
N TRP B 251 -4.07 0.13 -6.87
CA TRP B 251 -3.83 0.05 -5.43
C TRP B 251 -4.12 -1.37 -4.88
N GLU B 252 -5.36 -1.85 -5.04
CA GLU B 252 -5.73 -3.17 -4.56
C GLU B 252 -4.72 -4.26 -4.97
N LEU B 253 -4.27 -4.22 -6.22
CA LEU B 253 -3.33 -5.22 -6.70
C LEU B 253 -1.94 -5.16 -6.02
N SER B 254 -1.70 -4.11 -5.24
CA SER B 254 -0.42 -3.92 -4.56
C SER B 254 -0.47 -4.13 -3.05
N GLN B 255 -1.64 -4.42 -2.51
CA GLN B 255 -1.75 -4.61 -1.07
C GLN B 255 -1.20 -5.95 -0.54
N PRO B 256 -0.90 -6.02 0.78
CA PRO B 256 -0.37 -7.20 1.45
C PRO B 256 -1.21 -8.45 1.22
N ASP B 257 -0.58 -9.62 1.26
CA ASP B 257 -1.29 -10.86 1.04
C ASP B 257 -2.45 -11.02 2.02
#